data_4W7H
#
_entry.id   4W7H
#
_cell.length_a   104.500
_cell.length_b   104.500
_cell.length_c   68.116
_cell.angle_alpha   90.00
_cell.angle_beta   90.00
_cell.angle_gamma   120.00
#
_symmetry.space_group_name_H-M   'P 32 2 1'
#
loop_
_entity.id
_entity.type
_entity.pdbx_description
1 polymer 'Carbonyl reductase'
2 water water
#
_entity_poly.entity_id   1
_entity_poly.type   'polypeptide(L)'
_entity_poly.pdbx_seq_one_letter_code
;MFPDLKGKRVLITGSTEGIGLATARLFARAGAKVGLNSHVDPANIDETIASMRADGGDAAFFAADLATSEACQQLVDEFV
AKFGGIDVLINNAGGLVGRKPLPEIDDTFYDAVMDANIRSVVMTTKFALPHLAAAAKASGQTSAVISTGSIAGHTGGGPG
AGLYGAAKAFLHNVHKNWVDFHTKDGVRFNIVSPGTVDTAFHADKTQDVRDRISNGIPMGRFGTAEEMAPAFLFFASHLA
SGYITGQVLDINGGQYKH
;
_entity_poly.pdbx_strand_id   A,B
#
# COMPACT_ATOMS: atom_id res chain seq x y z
N MET A 1 4.14 0.33 15.43
CA MET A 1 5.41 0.54 14.66
C MET A 1 5.55 1.98 14.14
N PHE A 2 4.43 2.57 13.71
CA PHE A 2 4.41 3.96 13.27
C PHE A 2 4.27 4.88 14.48
N PRO A 3 4.96 6.04 14.44
CA PRO A 3 4.94 6.92 15.61
C PRO A 3 3.56 7.56 15.85
N ASP A 4 3.11 8.42 14.94
CA ASP A 4 1.93 9.26 15.14
C ASP A 4 0.60 8.52 15.43
N LEU A 5 0.65 7.20 15.59
CA LEU A 5 -0.49 6.43 16.06
C LEU A 5 -0.54 6.29 17.59
N LYS A 6 0.40 6.91 18.31
CA LYS A 6 0.34 6.87 19.77
C LYS A 6 -0.91 7.63 20.20
N GLY A 7 -1.80 6.96 20.93
CA GLY A 7 -2.98 7.61 21.48
C GLY A 7 -4.10 7.93 20.50
N LYS A 8 -4.01 7.40 19.28
CA LYS A 8 -5.10 7.49 18.33
C LYS A 8 -6.15 6.47 18.72
N ARG A 9 -7.42 6.85 18.60
CA ARG A 9 -8.54 6.03 19.03
C ARG A 9 -9.08 5.27 17.83
N VAL A 10 -8.98 3.94 17.90
CA VAL A 10 -9.20 3.07 16.73
C VAL A 10 -10.26 2.01 16.97
N LEU A 11 -11.36 2.09 16.22
CA LEU A 11 -12.37 1.04 16.25
C LEU A 11 -12.09 0.02 15.17
N ILE A 12 -12.07 -1.25 15.54
CA ILE A 12 -11.84 -2.33 14.60
C ILE A 12 -12.92 -3.38 14.79
N THR A 13 -13.68 -3.64 13.72
CA THR A 13 -14.77 -4.61 13.76
C THR A 13 -14.27 -6.04 13.49
N GLY A 14 -15.04 -7.04 13.93
CA GLY A 14 -14.65 -8.45 13.74
C GLY A 14 -13.20 -8.73 14.11
N SER A 15 -12.77 -8.10 15.20
CA SER A 15 -11.35 -7.89 15.48
C SER A 15 -10.85 -8.71 16.66
N THR A 16 -11.37 -9.93 16.81
CA THR A 16 -10.99 -10.79 17.93
C THR A 16 -10.43 -12.14 17.48
N GLU A 17 -10.16 -12.28 16.19
CA GLU A 17 -9.41 -13.43 15.70
C GLU A 17 -8.89 -13.14 14.28
N GLY A 18 -7.98 -13.99 13.81
CA GLY A 18 -7.40 -13.82 12.48
C GLY A 18 -6.87 -12.42 12.21
N ILE A 19 -7.04 -11.99 10.96
CA ILE A 19 -6.56 -10.69 10.48
C ILE A 19 -6.90 -9.56 11.44
N GLY A 20 -8.19 -9.43 11.76
CA GLY A 20 -8.69 -8.35 12.62
C GLY A 20 -7.97 -8.29 13.94
N LEU A 21 -7.71 -9.46 14.51
CA LEU A 21 -6.95 -9.58 15.74
C LEU A 21 -5.49 -9.17 15.50
N ALA A 22 -4.79 -9.92 14.66
CA ALA A 22 -3.39 -9.62 14.34
C ALA A 22 -3.15 -8.13 14.07
N THR A 23 -4.14 -7.49 13.44
CA THR A 23 -4.11 -6.04 13.21
C THR A 23 -4.13 -5.27 14.51
N ALA A 24 -5.08 -5.61 15.39
CA ALA A 24 -5.25 -4.93 16.67
C ALA A 24 -4.01 -5.02 17.53
N ARG A 25 -3.53 -6.24 17.77
CA ARG A 25 -2.32 -6.45 18.59
C ARG A 25 -1.17 -5.55 18.16
N LEU A 26 -0.98 -5.43 16.85
CA LEU A 26 0.04 -4.54 16.31
C LEU A 26 -0.33 -3.06 16.55
N PHE A 27 -1.62 -2.75 16.45
CA PHE A 27 -2.13 -1.39 16.77
C PHE A 27 -1.89 -1.02 18.24
N ALA A 28 -1.84 -2.04 19.10
CA ALA A 28 -1.44 -1.87 20.49
C ALA A 28 0.03 -1.43 20.56
N ARG A 29 0.90 -2.14 19.85
CA ARG A 29 2.33 -1.83 19.84
C ARG A 29 2.70 -0.45 19.30
N ALA A 30 1.74 0.27 18.70
CA ALA A 30 1.95 1.68 18.31
C ALA A 30 1.48 2.65 19.40
N GLY A 31 0.82 2.11 20.42
CA GLY A 31 0.34 2.90 21.56
C GLY A 31 -1.00 3.54 21.30
N ALA A 32 -1.89 2.82 20.63
CA ALA A 32 -3.20 3.34 20.24
C ALA A 32 -4.29 2.61 21.02
N LYS A 33 -5.37 3.32 21.30
CA LYS A 33 -6.51 2.73 21.99
C LYS A 33 -7.42 2.05 20.95
N VAL A 34 -7.75 0.79 21.18
CA VAL A 34 -8.43 -0.01 20.18
C VAL A 34 -9.76 -0.59 20.66
N GLY A 35 -10.75 -0.54 19.77
CA GLY A 35 -12.05 -1.16 20.00
C GLY A 35 -12.12 -2.57 19.44
N LEU A 36 -11.91 -3.56 20.31
CA LEU A 36 -12.10 -4.96 19.93
C LEU A 36 -13.59 -5.23 19.75
N ASN A 37 -13.91 -6.15 18.83
CA ASN A 37 -15.31 -6.43 18.50
C ASN A 37 -15.58 -7.84 17.99
N SER A 38 -16.72 -8.37 18.40
CA SER A 38 -17.21 -9.66 17.93
C SER A 38 -18.69 -9.74 18.20
N HIS A 39 -19.31 -10.79 17.66
CA HIS A 39 -20.69 -11.08 17.99
C HIS A 39 -20.71 -11.32 19.49
N VAL A 40 -19.94 -12.33 19.90
CA VAL A 40 -19.73 -12.61 21.31
C VAL A 40 -18.23 -12.68 21.61
N ASP A 41 -17.88 -12.11 22.76
CA ASP A 41 -16.58 -12.30 23.41
C ASP A 41 -16.13 -13.77 23.44
N PRO A 42 -14.83 -14.01 23.22
CA PRO A 42 -14.23 -15.28 23.60
C PRO A 42 -13.62 -15.18 25.00
N ALA A 43 -13.23 -16.32 25.58
CA ALA A 43 -12.54 -16.33 26.87
C ALA A 43 -11.18 -15.63 26.76
N ASN A 44 -10.50 -15.84 25.64
CA ASN A 44 -9.28 -15.13 25.28
C ASN A 44 -9.28 -13.64 25.70
N ILE A 45 -10.40 -12.97 25.44
CA ILE A 45 -10.50 -11.51 25.49
C ILE A 45 -9.63 -10.78 26.53
N ASP A 46 -9.60 -11.30 27.75
CA ASP A 46 -8.89 -10.61 28.84
C ASP A 46 -7.37 -10.68 28.62
N GLU A 47 -6.89 -11.83 28.16
CA GLU A 47 -5.49 -11.98 27.76
C GLU A 47 -5.14 -11.00 26.66
N THR A 48 -5.96 -11.02 25.60
CA THR A 48 -5.78 -10.14 24.46
C THR A 48 -5.66 -8.70 24.91
N ILE A 49 -6.63 -8.27 25.71
CA ILE A 49 -6.63 -6.91 26.25
C ILE A 49 -5.34 -6.69 27.02
N ALA A 50 -5.00 -7.64 27.89
CA ALA A 50 -3.80 -7.52 28.71
C ALA A 50 -2.56 -7.32 27.85
N SER A 51 -2.29 -8.28 26.97
CA SER A 51 -1.13 -8.22 26.08
C SER A 51 -1.14 -6.91 25.29
N MET A 52 -2.32 -6.47 24.89
CA MET A 52 -2.44 -5.20 24.17
C MET A 52 -2.13 -3.97 25.04
N ARG A 53 -2.49 -4.04 26.32
CA ARG A 53 -2.13 -2.98 27.26
C ARG A 53 -0.66 -3.14 27.71
N ALA A 54 -0.19 -4.38 27.72
CA ALA A 54 1.22 -4.67 27.98
C ALA A 54 2.11 -4.03 26.92
N ASP A 55 1.66 -4.13 25.67
CA ASP A 55 2.44 -3.62 24.53
C ASP A 55 2.45 -2.09 24.43
N GLY A 56 1.66 -1.41 25.27
CA GLY A 56 1.78 0.03 25.45
C GLY A 56 0.63 0.88 24.93
N GLY A 57 -0.45 0.23 24.50
CA GLY A 57 -1.64 0.94 24.02
C GLY A 57 -2.80 0.72 24.98
N ASP A 58 -3.99 0.44 24.44
CA ASP A 58 -5.15 0.09 25.25
C ASP A 58 -6.18 -0.71 24.45
N ALA A 59 -6.97 -1.52 25.15
CA ALA A 59 -8.05 -2.30 24.54
C ALA A 59 -9.37 -2.04 25.25
N ALA A 60 -10.43 -2.65 24.72
CA ALA A 60 -11.78 -2.63 25.31
C ALA A 60 -12.71 -3.36 24.34
N PHE A 61 -13.43 -4.37 24.84
CA PHE A 61 -14.31 -5.17 23.99
C PHE A 61 -15.73 -4.62 23.96
N PHE A 62 -16.34 -4.63 22.78
CA PHE A 62 -17.75 -4.33 22.61
C PHE A 62 -18.40 -5.42 21.75
N ALA A 63 -19.43 -6.08 22.27
CA ALA A 63 -20.13 -7.12 21.52
C ALA A 63 -21.11 -6.45 20.58
N ALA A 64 -21.23 -7.00 19.37
CA ALA A 64 -22.20 -6.52 18.39
C ALA A 64 -22.16 -7.34 17.10
N ASP A 65 -23.35 -7.66 16.58
CA ASP A 65 -23.52 -8.17 15.22
C ASP A 65 -23.89 -6.99 14.34
N LEU A 66 -23.20 -6.84 13.21
CA LEU A 66 -23.38 -5.66 12.35
C LEU A 66 -24.34 -5.88 11.18
N ALA A 67 -25.11 -6.97 11.22
CA ALA A 67 -26.17 -7.21 10.25
C ALA A 67 -27.37 -6.27 10.45
N THR A 68 -27.31 -5.39 11.46
CA THR A 68 -28.43 -4.54 11.82
C THR A 68 -27.97 -3.13 12.21
N SER A 69 -28.43 -2.14 11.46
CA SER A 69 -28.03 -0.73 11.63
C SER A 69 -28.00 -0.20 13.06
N GLU A 70 -28.84 -0.74 13.93
CA GLU A 70 -28.95 -0.24 15.31
C GLU A 70 -27.70 -0.61 16.09
N ALA A 71 -27.27 -1.87 15.94
CA ALA A 71 -26.03 -2.33 16.55
C ALA A 71 -24.88 -1.50 16.03
N CYS A 72 -24.87 -1.26 14.72
CA CYS A 72 -23.84 -0.43 14.11
C CYS A 72 -23.80 0.97 14.73
N GLN A 73 -24.96 1.50 15.10
CA GLN A 73 -25.01 2.78 15.79
C GLN A 73 -24.53 2.65 17.23
N GLN A 74 -25.23 1.88 18.04
CA GLN A 74 -24.93 1.88 19.46
C GLN A 74 -23.47 1.51 19.71
N LEU A 75 -22.93 0.61 18.88
CA LEU A 75 -21.51 0.25 18.91
C LEU A 75 -20.57 1.47 18.83
N VAL A 76 -20.92 2.43 17.98
CA VAL A 76 -20.15 3.66 17.85
C VAL A 76 -20.30 4.52 19.10
N ASP A 77 -21.54 4.64 19.60
CA ASP A 77 -21.83 5.43 20.79
C ASP A 77 -21.05 4.93 22.01
N GLU A 78 -21.02 3.60 22.18
CA GLU A 78 -20.26 2.97 23.27
C GLU A 78 -18.78 3.30 23.17
N PHE A 79 -18.18 2.94 22.03
CA PHE A 79 -16.77 3.22 21.77
C PHE A 79 -16.46 4.69 22.06
N VAL A 80 -17.23 5.57 21.44
CA VAL A 80 -17.01 7.01 21.55
C VAL A 80 -17.24 7.48 22.99
N ALA A 81 -18.21 6.87 23.68
CA ALA A 81 -18.41 7.15 25.10
C ALA A 81 -17.14 6.85 25.89
N LYS A 82 -16.60 5.64 25.72
CA LYS A 82 -15.41 5.23 26.45
C LYS A 82 -14.19 6.13 26.18
N PHE A 83 -13.87 6.33 24.90
CA PHE A 83 -12.64 7.03 24.52
C PHE A 83 -12.87 8.43 23.97
N GLY A 84 -14.10 8.93 24.05
CA GLY A 84 -14.40 10.31 23.70
C GLY A 84 -13.96 10.70 22.29
N GLY A 85 -14.13 9.77 21.34
CA GLY A 85 -13.88 10.09 19.93
C GLY A 85 -13.40 8.93 19.09
N ILE A 86 -13.18 9.21 17.81
CA ILE A 86 -12.61 8.24 16.85
C ILE A 86 -11.56 8.94 16.03
N ASP A 87 -10.44 8.25 15.81
CA ASP A 87 -9.42 8.70 14.86
C ASP A 87 -9.28 7.76 13.68
N VAL A 88 -9.48 6.46 13.90
CA VAL A 88 -9.41 5.49 12.82
C VAL A 88 -10.51 4.45 12.92
N LEU A 89 -11.14 4.16 11.78
CA LEU A 89 -12.16 3.13 11.68
C LEU A 89 -11.69 2.03 10.76
N ILE A 90 -11.83 0.79 11.22
CA ILE A 90 -11.44 -0.37 10.44
C ILE A 90 -12.62 -1.33 10.32
N ASN A 91 -13.26 -1.30 9.15
CA ASN A 91 -14.35 -2.20 8.83
C ASN A 91 -13.80 -3.51 8.38
N ASN A 92 -13.60 -4.42 9.32
CA ASN A 92 -13.11 -5.75 9.01
C ASN A 92 -14.22 -6.77 8.99
N ALA A 93 -15.17 -6.64 9.93
CA ALA A 93 -16.35 -7.51 9.99
C ALA A 93 -16.89 -7.91 8.63
N GLY A 94 -17.06 -9.21 8.45
CA GLY A 94 -17.59 -9.76 7.22
C GLY A 94 -17.25 -11.24 7.22
N GLY A 95 -17.58 -11.91 6.12
CA GLY A 95 -17.26 -13.32 6.00
C GLY A 95 -18.06 -14.00 4.91
N LEU A 96 -17.66 -15.21 4.57
CA LEU A 96 -18.39 -16.00 3.59
C LEU A 96 -19.83 -16.30 4.05
N VAL A 97 -19.95 -16.74 5.31
CA VAL A 97 -21.24 -17.15 5.87
C VAL A 97 -21.85 -18.27 5.03
N GLY A 98 -21.10 -19.36 4.87
CA GLY A 98 -21.55 -20.49 4.04
C GLY A 98 -21.19 -20.34 2.58
N ARG A 99 -21.49 -21.38 1.80
CA ARG A 99 -21.14 -21.45 0.38
C ARG A 99 -22.24 -22.13 -0.42
N LYS A 100 -23.08 -21.35 -1.08
CA LYS A 100 -24.18 -21.89 -1.87
C LYS A 100 -24.06 -21.48 -3.32
N PRO A 101 -24.14 -22.44 -4.26
CA PRO A 101 -24.20 -22.05 -5.66
C PRO A 101 -25.50 -21.31 -5.96
N LEU A 102 -25.60 -20.76 -7.17
CA LEU A 102 -26.69 -19.84 -7.50
C LEU A 102 -28.06 -20.44 -7.16
N PRO A 103 -28.39 -21.62 -7.74
CA PRO A 103 -29.70 -22.22 -7.49
C PRO A 103 -30.06 -22.27 -6.00
N GLU A 104 -29.09 -22.65 -5.17
CA GLU A 104 -29.34 -22.87 -3.74
C GLU A 104 -29.45 -21.59 -2.90
N ILE A 105 -29.29 -20.41 -3.50
CA ILE A 105 -29.41 -19.16 -2.76
C ILE A 105 -30.88 -18.87 -2.46
N ASP A 106 -31.19 -18.74 -1.17
CA ASP A 106 -32.52 -18.29 -0.74
C ASP A 106 -32.37 -16.90 -0.12
N ASP A 107 -33.48 -16.31 0.34
CA ASP A 107 -33.42 -14.96 0.90
C ASP A 107 -32.70 -14.91 2.26
N THR A 108 -32.95 -15.89 3.12
CA THR A 108 -32.25 -15.91 4.40
C THR A 108 -30.73 -16.01 4.19
N PHE A 109 -30.30 -16.67 3.11
CA PHE A 109 -28.88 -16.72 2.77
C PHE A 109 -28.40 -15.40 2.20
N TYR A 110 -29.04 -14.94 1.14
CA TYR A 110 -28.73 -13.66 0.51
C TYR A 110 -28.69 -12.52 1.53
N ASP A 111 -29.71 -12.41 2.37
CA ASP A 111 -29.70 -11.39 3.41
C ASP A 111 -28.48 -11.55 4.30
N ALA A 112 -28.22 -12.80 4.71
CA ALA A 112 -27.13 -13.08 5.65
C ALA A 112 -25.78 -12.61 5.12
N VAL A 113 -25.50 -12.91 3.85
CA VAL A 113 -24.21 -12.54 3.24
C VAL A 113 -24.16 -11.04 3.02
N MET A 114 -25.27 -10.46 2.61
CA MET A 114 -25.34 -9.02 2.34
C MET A 114 -25.24 -8.25 3.67
N ASP A 115 -26.12 -8.57 4.61
CA ASP A 115 -26.13 -7.89 5.91
C ASP A 115 -24.78 -7.97 6.60
N ALA A 116 -24.12 -9.12 6.50
CA ALA A 116 -22.81 -9.34 7.14
C ALA A 116 -21.72 -8.42 6.60
N ASN A 117 -21.71 -8.23 5.28
CA ASN A 117 -20.58 -7.62 4.60
C ASN A 117 -20.77 -6.19 4.11
N ILE A 118 -21.99 -5.81 3.76
CA ILE A 118 -22.25 -4.53 3.14
C ILE A 118 -22.97 -3.60 4.11
N ARG A 119 -24.16 -3.99 4.54
CA ARG A 119 -24.97 -3.20 5.48
C ARG A 119 -24.13 -2.71 6.67
N SER A 120 -23.44 -3.64 7.31
CA SER A 120 -22.49 -3.34 8.38
C SER A 120 -21.60 -2.18 7.98
N VAL A 121 -20.74 -2.46 7.01
CA VAL A 121 -19.74 -1.50 6.56
C VAL A 121 -20.38 -0.14 6.35
N VAL A 122 -21.49 -0.14 5.63
CA VAL A 122 -22.12 1.12 5.27
C VAL A 122 -22.50 1.88 6.52
N MET A 123 -23.36 1.25 7.33
CA MET A 123 -23.96 1.97 8.45
C MET A 123 -22.89 2.41 9.44
N THR A 124 -22.05 1.47 9.84
CA THR A 124 -20.97 1.78 10.76
C THR A 124 -20.21 3.03 10.34
N THR A 125 -19.84 3.08 9.06
CA THR A 125 -19.14 4.23 8.54
C THR A 125 -19.97 5.49 8.69
N LYS A 126 -21.27 5.35 8.39
CA LYS A 126 -22.21 6.49 8.49
C LYS A 126 -22.18 7.11 9.87
N PHE A 127 -22.37 6.29 10.89
CA PHE A 127 -22.41 6.78 12.27
C PHE A 127 -21.07 7.36 12.69
N ALA A 128 -20.00 6.65 12.32
CA ALA A 128 -18.66 7.09 12.63
C ALA A 128 -18.33 8.45 12.04
N LEU A 129 -18.73 8.66 10.79
CA LEU A 129 -18.25 9.79 9.98
C LEU A 129 -18.18 11.11 10.74
N PRO A 130 -19.32 11.59 11.27
CA PRO A 130 -19.33 12.86 11.99
C PRO A 130 -18.35 12.93 13.17
N HIS A 131 -18.07 11.80 13.81
CA HIS A 131 -17.03 11.72 14.85
C HIS A 131 -15.65 11.76 14.22
N LEU A 132 -15.41 10.89 13.25
CA LEU A 132 -14.14 10.89 12.53
C LEU A 132 -13.82 12.30 12.08
N ALA A 133 -14.74 12.89 11.32
CA ALA A 133 -14.60 14.28 10.88
C ALA A 133 -14.22 15.18 12.05
N ALA A 134 -14.96 15.07 13.15
CA ALA A 134 -14.70 15.84 14.38
C ALA A 134 -13.21 15.83 14.79
N ALA A 135 -12.67 14.65 15.10
CA ALA A 135 -11.26 14.51 15.42
C ALA A 135 -10.37 15.16 14.37
N ALA A 136 -10.74 15.02 13.10
CA ALA A 136 -9.96 15.59 12.00
C ALA A 136 -9.91 17.13 12.04
N LYS A 137 -11.01 17.75 12.47
CA LYS A 137 -11.04 19.22 12.65
C LYS A 137 -10.04 19.59 13.73
N ALA A 138 -10.15 18.89 14.87
CA ALA A 138 -9.24 19.03 16.00
C ALA A 138 -7.78 18.97 15.58
N SER A 139 -7.37 17.82 15.05
CA SER A 139 -5.97 17.59 14.64
C SER A 139 -5.47 18.57 13.60
N GLY A 140 -6.36 18.97 12.68
CA GLY A 140 -5.93 19.68 11.48
C GLY A 140 -5.27 18.72 10.50
N GLN A 141 -5.44 17.42 10.75
CA GLN A 141 -4.81 16.39 9.97
C GLN A 141 -5.93 15.57 9.35
N THR A 142 -5.90 14.24 9.48
CA THR A 142 -6.96 13.41 8.91
C THR A 142 -7.26 12.17 9.74
N SER A 143 -8.54 11.96 10.04
CA SER A 143 -9.01 10.65 10.47
C SER A 143 -9.03 9.73 9.25
N ALA A 144 -9.04 8.43 9.50
CA ALA A 144 -8.97 7.44 8.42
C ALA A 144 -9.96 6.29 8.62
N VAL A 145 -10.67 5.95 7.56
CA VAL A 145 -11.49 4.72 7.51
C VAL A 145 -10.74 3.70 6.69
N ILE A 146 -10.76 2.45 7.11
CA ILE A 146 -10.15 1.39 6.31
C ILE A 146 -11.03 0.15 6.34
N SER A 147 -11.47 -0.27 5.16
CA SER A 147 -12.36 -1.41 5.05
C SER A 147 -11.62 -2.62 4.48
N THR A 148 -11.83 -3.78 5.10
CA THR A 148 -11.23 -5.03 4.63
C THR A 148 -11.95 -5.54 3.38
N GLY A 149 -11.23 -5.59 2.27
CA GLY A 149 -11.79 -6.10 1.03
C GLY A 149 -11.53 -7.59 0.83
N SER A 150 -11.23 -7.95 -0.42
CA SER A 150 -10.92 -9.32 -0.77
C SER A 150 -10.44 -9.38 -2.21
N ILE A 151 -9.72 -10.44 -2.54
CA ILE A 151 -9.34 -10.73 -3.92
C ILE A 151 -10.58 -10.99 -4.80
N ALA A 152 -11.59 -11.66 -4.23
CA ALA A 152 -12.82 -11.96 -4.94
C ALA A 152 -13.57 -10.70 -5.42
N GLY A 153 -13.29 -9.57 -4.76
CA GLY A 153 -13.87 -8.27 -5.13
C GLY A 153 -13.36 -7.78 -6.47
N HIS A 154 -12.25 -8.37 -6.93
CA HIS A 154 -11.78 -8.22 -8.30
C HIS A 154 -12.12 -9.43 -9.15
N THR A 155 -11.78 -10.63 -8.70
CA THR A 155 -11.87 -11.82 -9.55
C THR A 155 -13.19 -12.59 -9.51
N GLY A 156 -14.14 -12.14 -8.69
CA GLY A 156 -15.34 -12.91 -8.42
C GLY A 156 -15.03 -14.05 -7.45
N GLY A 157 -16.00 -14.33 -6.57
CA GLY A 157 -15.82 -15.31 -5.50
C GLY A 157 -15.71 -16.77 -5.92
N GLY A 158 -15.21 -17.58 -5.01
CA GLY A 158 -15.06 -19.02 -5.23
C GLY A 158 -16.37 -19.79 -5.16
N PRO A 159 -16.29 -21.14 -5.04
CA PRO A 159 -17.47 -22.02 -5.05
C PRO A 159 -18.51 -21.66 -4.00
N GLY A 160 -19.71 -21.34 -4.46
CA GLY A 160 -20.77 -20.89 -3.57
C GLY A 160 -20.47 -19.58 -2.89
N ALA A 161 -19.40 -18.91 -3.32
CA ALA A 161 -18.92 -17.68 -2.69
C ALA A 161 -19.29 -16.40 -3.46
N GLY A 162 -20.15 -16.52 -4.48
CA GLY A 162 -20.48 -15.40 -5.37
C GLY A 162 -20.85 -14.10 -4.67
N LEU A 163 -21.66 -14.21 -3.62
CA LEU A 163 -22.17 -13.04 -2.90
C LEU A 163 -21.10 -12.37 -2.05
N TYR A 164 -20.18 -13.17 -1.53
CA TYR A 164 -19.02 -12.62 -0.82
C TYR A 164 -18.18 -11.78 -1.78
N GLY A 165 -17.83 -12.36 -2.92
CA GLY A 165 -17.02 -11.65 -3.91
C GLY A 165 -17.64 -10.34 -4.30
N ALA A 166 -18.91 -10.37 -4.63
CA ALA A 166 -19.64 -9.17 -5.07
C ALA A 166 -19.82 -8.13 -3.97
N ALA A 167 -20.04 -8.58 -2.75
CA ALA A 167 -20.18 -7.68 -1.60
C ALA A 167 -18.91 -6.89 -1.38
N LYS A 168 -17.76 -7.56 -1.51
CA LYS A 168 -16.48 -6.88 -1.40
C LYS A 168 -16.28 -5.91 -2.56
N ALA A 169 -16.68 -6.33 -3.77
CA ALA A 169 -16.62 -5.46 -4.94
C ALA A 169 -17.45 -4.20 -4.72
N PHE A 170 -18.55 -4.37 -4.01
CA PHE A 170 -19.41 -3.26 -3.62
C PHE A 170 -18.62 -2.28 -2.79
N LEU A 171 -17.85 -2.79 -1.83
CA LEU A 171 -17.15 -1.93 -0.89
C LEU A 171 -16.11 -1.12 -1.63
N HIS A 172 -15.42 -1.79 -2.57
CA HIS A 172 -14.38 -1.16 -3.38
C HIS A 172 -14.94 0.10 -4.01
N ASN A 173 -16.11 -0.04 -4.61
CA ASN A 173 -16.79 1.03 -5.32
C ASN A 173 -17.33 2.14 -4.43
N VAL A 174 -18.04 1.78 -3.37
CA VAL A 174 -18.69 2.76 -2.51
C VAL A 174 -17.69 3.67 -1.80
N HIS A 175 -16.49 3.16 -1.54
CA HIS A 175 -15.43 3.96 -0.96
C HIS A 175 -15.10 5.18 -1.82
N LYS A 176 -15.26 5.03 -3.14
CA LYS A 176 -14.94 6.08 -4.11
C LYS A 176 -15.95 7.21 -4.01
N ASN A 177 -17.22 6.87 -3.92
CA ASN A 177 -18.27 7.84 -3.64
C ASN A 177 -17.99 8.63 -2.35
N TRP A 178 -17.53 7.92 -1.32
CA TRP A 178 -17.21 8.53 -0.04
C TRP A 178 -15.99 9.42 -0.11
N VAL A 179 -15.04 9.07 -0.98
CA VAL A 179 -13.88 9.91 -1.22
C VAL A 179 -14.30 11.24 -1.82
N ASP A 180 -15.30 11.21 -2.70
CA ASP A 180 -15.77 12.43 -3.33
C ASP A 180 -16.32 13.39 -2.30
N PHE A 181 -17.32 12.94 -1.54
CA PHE A 181 -18.14 13.87 -0.80
C PHE A 181 -17.76 14.02 0.66
N HIS A 182 -16.69 13.37 1.09
CA HIS A 182 -16.28 13.44 2.50
C HIS A 182 -14.78 13.62 2.75
N THR A 183 -14.03 13.84 1.67
CA THR A 183 -12.64 14.24 1.81
C THR A 183 -12.62 15.62 2.46
N LYS A 184 -13.50 16.48 1.96
CA LYS A 184 -13.90 17.72 2.62
C LYS A 184 -13.96 17.55 4.14
N ASP A 185 -14.66 16.52 4.60
CA ASP A 185 -14.80 16.26 6.04
C ASP A 185 -13.52 15.70 6.72
N GLY A 186 -12.41 15.68 5.99
CA GLY A 186 -11.11 15.38 6.56
C GLY A 186 -10.84 13.91 6.82
N VAL A 187 -11.67 13.03 6.27
CA VAL A 187 -11.52 11.59 6.46
C VAL A 187 -10.98 10.95 5.18
N ARG A 188 -9.98 10.11 5.32
CA ARG A 188 -9.45 9.33 4.19
C ARG A 188 -10.04 7.92 4.23
N PHE A 189 -10.39 7.41 3.04
CA PHE A 189 -10.97 6.07 2.89
C PHE A 189 -10.04 5.20 2.06
N ASN A 190 -9.73 4.00 2.55
CA ASN A 190 -8.88 3.04 1.81
C ASN A 190 -9.22 1.61 2.14
N ILE A 191 -8.69 0.70 1.31
CA ILE A 191 -9.02 -0.70 1.40
C ILE A 191 -7.79 -1.58 1.35
N VAL A 192 -7.63 -2.38 2.39
CA VAL A 192 -6.70 -3.49 2.37
C VAL A 192 -7.51 -4.67 1.88
N SER A 193 -6.99 -5.35 0.86
CA SER A 193 -7.70 -6.44 0.20
C SER A 193 -6.85 -7.70 0.29
N PRO A 194 -7.14 -8.56 1.28
CA PRO A 194 -6.40 -9.82 1.37
C PRO A 194 -6.80 -10.80 0.29
N GLY A 195 -5.86 -11.63 -0.13
CA GLY A 195 -6.18 -12.80 -0.92
C GLY A 195 -6.76 -13.84 0.00
N THR A 196 -6.75 -15.09 -0.43
CA THR A 196 -7.24 -16.18 0.42
C THR A 196 -6.32 -16.27 1.65
N VAL A 197 -6.90 -16.59 2.80
CA VAL A 197 -6.18 -16.56 4.08
C VAL A 197 -6.41 -17.84 4.88
N ASP A 198 -5.38 -18.23 5.62
CA ASP A 198 -5.42 -19.47 6.42
C ASP A 198 -6.29 -19.31 7.68
N ASP A 208 -6.48 -30.57 0.52
CA ASP A 208 -6.60 -30.90 -0.90
C ASP A 208 -7.18 -29.73 -1.69
N VAL A 209 -8.13 -29.01 -1.07
CA VAL A 209 -8.67 -27.77 -1.64
C VAL A 209 -7.73 -26.62 -1.29
N ARG A 210 -7.34 -26.57 -0.01
CA ARG A 210 -6.29 -25.65 0.47
C ARG A 210 -5.00 -25.71 -0.37
N ASP A 211 -4.68 -26.90 -0.85
CA ASP A 211 -3.44 -27.13 -1.61
C ASP A 211 -3.53 -26.58 -3.04
N ARG A 212 -4.59 -26.95 -3.75
CA ARG A 212 -4.74 -26.69 -5.19
C ARG A 212 -4.70 -25.21 -5.60
N ILE A 213 -5.04 -24.32 -4.68
CA ILE A 213 -5.05 -22.87 -4.96
C ILE A 213 -3.71 -22.22 -4.59
N SER A 214 -3.08 -22.71 -3.51
CA SER A 214 -1.71 -22.31 -3.13
C SER A 214 -0.69 -22.51 -4.26
N ASN A 215 -1.06 -23.32 -5.26
CA ASN A 215 -0.20 -23.62 -6.39
C ASN A 215 0.00 -22.40 -7.25
N GLY A 216 -1.11 -21.74 -7.59
CA GLY A 216 -1.12 -20.61 -8.52
C GLY A 216 -0.52 -19.33 -7.96
N ILE A 217 -0.65 -19.11 -6.66
CA ILE A 217 -0.13 -17.89 -6.03
C ILE A 217 1.40 -17.87 -6.15
N PRO A 218 1.96 -16.84 -6.81
CA PRO A 218 3.41 -16.78 -7.04
C PRO A 218 4.29 -17.07 -5.82
N MET A 219 3.80 -16.73 -4.61
CA MET A 219 4.48 -17.09 -3.37
C MET A 219 4.07 -18.46 -2.82
N GLY A 220 3.47 -19.29 -3.66
CA GLY A 220 3.12 -20.67 -3.30
C GLY A 220 2.42 -20.88 -1.96
N ARG A 221 1.64 -19.90 -1.51
CA ARG A 221 0.86 -20.05 -0.26
C ARG A 221 -0.14 -18.92 -0.05
N PHE A 222 -1.01 -19.11 0.94
CA PHE A 222 -1.87 -18.05 1.45
C PHE A 222 -1.04 -17.15 2.35
N GLY A 223 -1.60 -16.00 2.71
CA GLY A 223 -0.97 -15.11 3.69
C GLY A 223 -1.35 -15.48 5.11
N THR A 224 -0.46 -15.15 6.04
CA THR A 224 -0.79 -15.24 7.45
C THR A 224 -1.51 -13.98 7.83
N ALA A 225 -2.44 -14.08 8.78
CA ALA A 225 -3.12 -12.89 9.29
C ALA A 225 -2.12 -11.77 9.61
N GLU A 226 -0.91 -12.17 10.01
CA GLU A 226 0.13 -11.25 10.46
C GLU A 226 0.67 -10.36 9.34
N GLU A 227 0.62 -10.85 8.09
CA GLU A 227 1.11 -10.10 6.92
C GLU A 227 0.10 -9.09 6.36
N MET A 228 -1.16 -9.22 6.77
CA MET A 228 -2.22 -8.32 6.35
C MET A 228 -2.29 -7.10 7.27
N ALA A 229 -1.66 -7.19 8.45
CA ALA A 229 -1.80 -6.18 9.51
C ALA A 229 -1.09 -4.84 9.24
N PRO A 230 0.20 -4.87 8.84
CA PRO A 230 0.95 -3.63 8.72
C PRO A 230 0.32 -2.63 7.76
N ALA A 231 -0.29 -3.14 6.69
CA ALA A 231 -0.94 -2.30 5.68
C ALA A 231 -1.97 -1.36 6.30
N PHE A 232 -2.77 -1.91 7.22
CA PHE A 232 -3.82 -1.14 7.88
C PHE A 232 -3.24 0.03 8.63
N LEU A 233 -2.20 -0.24 9.42
CA LEU A 233 -1.51 0.82 10.16
C LEU A 233 -0.98 1.84 9.16
N PHE A 234 -0.33 1.36 8.13
CA PHE A 234 0.18 2.27 7.11
C PHE A 234 -0.93 3.19 6.63
N PHE A 235 -2.10 2.61 6.39
CA PHE A 235 -3.25 3.40 5.94
C PHE A 235 -3.79 4.31 7.04
N ALA A 236 -3.67 3.87 8.29
CA ALA A 236 -4.06 4.68 9.45
C ALA A 236 -3.16 5.91 9.70
N SER A 237 -1.90 5.81 9.33
CA SER A 237 -0.89 6.80 9.74
C SER A 237 -0.87 8.02 8.82
N HIS A 238 -1.59 9.07 9.19
CA HIS A 238 -1.57 10.32 8.42
C HIS A 238 -0.14 10.69 8.01
N LEU A 239 0.82 10.35 8.85
CA LEU A 239 2.22 10.57 8.53
C LEU A 239 2.61 9.81 7.27
N ALA A 240 2.33 8.50 7.27
CA ALA A 240 2.65 7.64 6.15
C ALA A 240 1.77 7.91 4.94
N SER A 241 0.45 7.93 5.13
CA SER A 241 -0.49 7.85 4.02
C SER A 241 -1.40 9.07 3.90
N GLY A 242 -0.93 10.22 4.36
CA GLY A 242 -1.75 11.43 4.41
C GLY A 242 -2.37 11.87 3.11
N TYR A 243 -1.68 11.66 1.99
CA TYR A 243 -2.19 12.04 0.67
C TYR A 243 -2.62 10.82 -0.15
N ILE A 244 -3.04 9.77 0.54
CA ILE A 244 -3.56 8.59 -0.10
C ILE A 244 -4.97 8.30 0.42
N THR A 245 -5.93 8.39 -0.49
CA THR A 245 -7.29 8.02 -0.19
C THR A 245 -7.87 7.47 -1.49
N GLY A 246 -8.82 6.55 -1.38
CA GLY A 246 -9.48 5.97 -2.54
C GLY A 246 -8.80 4.73 -3.12
N GLN A 247 -7.74 4.27 -2.47
CA GLN A 247 -6.96 3.16 -2.99
C GLN A 247 -7.32 1.82 -2.37
N VAL A 248 -6.75 0.78 -2.98
CA VAL A 248 -6.94 -0.59 -2.57
C VAL A 248 -5.55 -1.24 -2.58
N LEU A 249 -5.24 -1.99 -1.53
CA LEU A 249 -3.95 -2.65 -1.45
C LEU A 249 -4.12 -4.15 -1.29
N ASP A 250 -3.80 -4.88 -2.36
CA ASP A 250 -4.02 -6.32 -2.40
C ASP A 250 -2.81 -7.09 -1.88
N ILE A 251 -2.99 -7.71 -0.73
CA ILE A 251 -1.94 -8.50 -0.09
C ILE A 251 -2.23 -9.97 -0.34
N ASN A 252 -1.72 -10.49 -1.45
CA ASN A 252 -2.09 -11.84 -1.93
C ASN A 252 -0.95 -12.71 -2.51
N GLY A 253 0.31 -12.34 -2.24
CA GLY A 253 1.44 -13.05 -2.81
C GLY A 253 1.54 -13.04 -4.34
N GLY A 254 0.85 -12.10 -4.99
CA GLY A 254 0.82 -12.03 -6.45
C GLY A 254 -0.32 -12.79 -7.12
N GLN A 255 -1.23 -13.33 -6.30
CA GLN A 255 -2.45 -14.04 -6.77
C GLN A 255 -3.21 -13.21 -7.82
N TYR A 256 -3.44 -11.94 -7.50
CA TYR A 256 -4.01 -10.96 -8.44
C TYR A 256 -3.17 -9.68 -8.32
N LYS A 257 -2.97 -8.99 -9.44
CA LYS A 257 -2.20 -7.74 -9.45
C LYS A 257 -3.08 -6.57 -9.87
N HIS A 258 -3.71 -5.90 -8.91
CA HIS A 258 -4.61 -4.80 -9.26
C HIS A 258 -3.90 -3.69 -10.04
N MET B 1 11.99 4.56 8.93
CA MET B 1 10.66 4.32 9.57
C MET B 1 10.49 2.86 10.01
N PHE B 2 11.01 1.94 9.20
CA PHE B 2 10.89 0.51 9.46
C PHE B 2 12.22 -0.02 9.96
N PRO B 3 12.19 -0.86 11.00
CA PRO B 3 13.43 -1.32 11.64
C PRO B 3 14.33 -2.14 10.73
N ASP B 4 13.76 -3.04 9.94
CA ASP B 4 14.55 -3.95 9.13
C ASP B 4 15.25 -3.27 7.95
N LEU B 5 14.86 -2.03 7.66
CA LEU B 5 15.55 -1.23 6.65
C LEU B 5 16.99 -0.89 7.06
N LYS B 6 17.26 -0.87 8.37
CA LYS B 6 18.62 -0.75 8.87
C LYS B 6 19.58 -1.72 8.19
N GLY B 7 20.59 -1.16 7.52
CA GLY B 7 21.67 -1.94 6.91
C GLY B 7 21.29 -2.60 5.61
N LYS B 8 20.86 -1.78 4.65
CA LYS B 8 20.28 -2.30 3.39
C LYS B 8 20.79 -1.53 2.18
N ARG B 9 21.20 -2.27 1.16
CA ARG B 9 21.77 -1.68 -0.04
C ARG B 9 20.66 -1.31 -1.02
N VAL B 10 20.47 -0.02 -1.20
CA VAL B 10 19.30 0.52 -1.88
C VAL B 10 19.75 1.33 -3.08
N LEU B 11 19.36 0.90 -4.27
CA LEU B 11 19.71 1.65 -5.49
C LEU B 11 18.50 2.46 -5.95
N ILE B 12 18.71 3.75 -6.14
CA ILE B 12 17.65 4.68 -6.49
C ILE B 12 18.06 5.54 -7.67
N THR B 13 17.44 5.28 -8.82
CA THR B 13 17.67 6.11 -9.99
C THR B 13 16.92 7.45 -9.83
N GLY B 14 17.39 8.51 -10.49
CA GLY B 14 16.73 9.81 -10.41
C GLY B 14 16.57 10.38 -9.01
N SER B 15 17.45 9.95 -8.10
CA SER B 15 17.36 10.30 -6.67
C SER B 15 17.95 11.67 -6.31
N THR B 16 18.52 12.35 -7.30
CA THR B 16 19.10 13.66 -7.08
C THR B 16 18.02 14.74 -6.97
N GLU B 17 16.85 14.46 -7.51
CA GLU B 17 15.77 15.44 -7.57
C GLU B 17 14.48 14.92 -6.89
N GLY B 18 13.63 15.86 -6.48
CA GLY B 18 12.24 15.58 -6.09
C GLY B 18 11.94 14.34 -5.25
N ILE B 19 11.16 13.43 -5.81
CA ILE B 19 10.66 12.25 -5.10
C ILE B 19 11.78 11.26 -4.79
N GLY B 20 12.63 11.03 -5.80
CA GLY B 20 13.77 10.16 -5.65
C GLY B 20 14.68 10.65 -4.54
N LEU B 21 14.81 11.97 -4.42
CA LEU B 21 15.60 12.57 -3.35
C LEU B 21 14.87 12.40 -2.04
N ALA B 22 13.60 12.82 -2.01
CA ALA B 22 12.75 12.71 -0.84
C ALA B 22 12.86 11.33 -0.19
N THR B 23 12.72 10.28 -0.99
CA THR B 23 12.81 8.92 -0.47
C THR B 23 14.20 8.62 0.06
N ALA B 24 15.22 8.89 -0.76
CA ALA B 24 16.61 8.65 -0.38
C ALA B 24 16.89 9.10 1.05
N ARG B 25 16.46 10.32 1.37
CA ARG B 25 16.62 10.86 2.72
C ARG B 25 16.05 9.94 3.77
N LEU B 26 14.85 9.43 3.53
CA LEU B 26 14.18 8.55 4.49
C LEU B 26 14.91 7.21 4.63
N PHE B 27 15.50 6.73 3.54
CA PHE B 27 16.19 5.44 3.55
C PHE B 27 17.47 5.48 4.36
N ALA B 28 18.26 6.54 4.17
CA ALA B 28 19.46 6.75 4.98
C ALA B 28 19.06 6.94 6.44
N ARG B 29 18.02 7.74 6.65
CA ARG B 29 17.52 8.05 7.99
C ARG B 29 16.94 6.83 8.71
N ALA B 30 16.77 5.73 7.98
CA ALA B 30 16.46 4.43 8.57
C ALA B 30 17.71 3.55 8.69
N GLY B 31 18.87 4.09 8.31
CA GLY B 31 20.14 3.40 8.46
C GLY B 31 20.56 2.58 7.25
N ALA B 32 20.25 3.06 6.06
CA ALA B 32 20.47 2.26 4.85
C ALA B 32 21.56 2.83 3.95
N LYS B 33 22.11 1.95 3.11
CA LYS B 33 23.20 2.28 2.19
C LYS B 33 22.63 2.63 0.81
N VAL B 34 22.42 3.93 0.58
CA VAL B 34 21.71 4.38 -0.60
C VAL B 34 22.65 4.70 -1.76
N GLY B 35 22.20 4.43 -2.97
CA GLY B 35 22.92 4.82 -4.17
C GLY B 35 22.12 5.91 -4.84
N LEU B 36 22.73 7.08 -5.01
CA LEU B 36 22.07 8.17 -5.71
C LEU B 36 22.42 8.12 -7.19
N ASN B 37 21.63 8.83 -7.99
CA ASN B 37 21.79 8.78 -9.43
C ASN B 37 21.30 10.04 -10.11
N SER B 38 21.96 10.40 -11.21
CA SER B 38 21.53 11.51 -12.05
C SER B 38 22.22 11.45 -13.42
N HIS B 39 21.76 12.27 -14.35
CA HIS B 39 22.37 12.34 -15.68
C HIS B 39 23.79 12.89 -15.62
N VAL B 40 24.00 13.85 -14.72
CA VAL B 40 25.29 14.51 -14.55
C VAL B 40 25.45 14.95 -13.09
N ASP B 41 26.69 14.92 -12.60
CA ASP B 41 27.00 15.30 -11.22
C ASP B 41 26.34 16.61 -10.80
N PRO B 42 25.50 16.57 -9.75
CA PRO B 42 24.93 17.80 -9.19
C PRO B 42 25.91 18.53 -8.27
N ALA B 43 25.88 19.86 -8.32
CA ALA B 43 26.86 20.74 -7.67
C ALA B 43 27.28 20.29 -6.27
N ASN B 44 26.29 20.09 -5.41
CA ASN B 44 26.53 19.81 -4.00
C ASN B 44 26.31 18.35 -3.64
N ILE B 45 26.76 17.46 -4.50
CA ILE B 45 26.56 16.04 -4.26
C ILE B 45 27.17 15.56 -2.94
N ASP B 46 28.30 16.13 -2.54
CA ASP B 46 29.08 15.61 -1.41
C ASP B 46 28.54 16.09 -0.06
N GLU B 47 27.95 17.28 -0.08
CA GLU B 47 27.31 17.85 1.09
C GLU B 47 25.98 17.14 1.35
N THR B 48 25.40 16.61 0.27
CA THR B 48 24.22 15.75 0.37
C THR B 48 24.56 14.44 1.06
N ILE B 49 25.63 13.79 0.58
CA ILE B 49 26.11 12.55 1.16
C ILE B 49 26.47 12.72 2.65
N ALA B 50 26.90 13.94 3.00
CA ALA B 50 27.18 14.28 4.40
C ALA B 50 25.93 14.20 5.27
N SER B 51 24.81 14.74 4.77
CA SER B 51 23.54 14.66 5.50
C SER B 51 23.13 13.22 5.74
N MET B 52 23.16 12.42 4.68
CA MET B 52 22.73 11.04 4.74
C MET B 52 23.66 10.18 5.58
N ARG B 53 24.97 10.43 5.46
CA ARG B 53 25.95 9.70 6.27
C ARG B 53 25.68 9.95 7.76
N ALA B 54 25.30 11.19 8.09
CA ALA B 54 25.00 11.57 9.48
C ALA B 54 23.71 10.95 10.04
N ASP B 55 22.72 10.73 9.18
CA ASP B 55 21.38 10.22 9.60
C ASP B 55 21.39 8.79 10.15
N GLY B 56 22.53 8.10 10.02
CA GLY B 56 22.65 6.72 10.47
C GLY B 56 22.94 5.79 9.31
N GLY B 57 22.86 6.32 8.09
CA GLY B 57 23.07 5.52 6.88
C GLY B 57 24.39 5.78 6.20
N ASP B 58 24.40 5.57 4.89
CA ASP B 58 25.59 5.75 4.06
C ASP B 58 25.10 5.94 2.62
N ALA B 59 25.87 6.65 1.80
CA ALA B 59 25.46 6.92 0.42
C ALA B 59 26.61 7.00 -0.56
N ALA B 60 26.26 7.08 -1.84
CA ALA B 60 27.23 7.30 -2.91
C ALA B 60 26.48 7.86 -4.12
N PHE B 61 27.22 8.41 -5.08
CA PHE B 61 26.62 8.96 -6.29
C PHE B 61 27.26 8.39 -7.54
N PHE B 62 26.42 7.83 -8.39
CA PHE B 62 26.84 7.28 -9.66
C PHE B 62 26.02 8.01 -10.71
N ALA B 63 26.69 8.86 -11.49
CA ALA B 63 26.06 9.50 -12.62
C ALA B 63 25.81 8.44 -13.70
N ALA B 64 24.67 8.57 -14.39
CA ALA B 64 24.36 7.74 -15.54
C ALA B 64 23.06 8.21 -16.18
N ASP B 65 23.05 8.32 -17.51
CA ASP B 65 21.81 8.49 -18.26
C ASP B 65 21.38 7.11 -18.77
N LEU B 66 20.26 6.64 -18.23
CA LEU B 66 19.84 5.25 -18.39
C LEU B 66 19.07 4.95 -19.68
N ALA B 67 18.92 5.95 -20.54
CA ALA B 67 18.27 5.76 -21.83
C ALA B 67 19.00 4.70 -22.67
N THR B 68 20.28 4.45 -22.35
CA THR B 68 21.10 3.44 -23.02
C THR B 68 21.39 2.25 -22.09
N SER B 69 21.53 1.08 -22.70
CA SER B 69 21.71 -0.16 -21.94
C SER B 69 23.05 -0.23 -21.22
N GLU B 70 24.13 0.05 -21.93
CA GLU B 70 25.49 -0.01 -21.35
C GLU B 70 25.61 0.82 -20.07
N ALA B 71 24.93 1.97 -20.05
CA ALA B 71 24.88 2.83 -18.86
C ALA B 71 24.17 2.15 -17.70
N CYS B 72 23.05 1.49 -17.99
CA CYS B 72 22.32 0.70 -16.99
C CYS B 72 23.21 -0.41 -16.44
N GLN B 73 24.02 -1.03 -17.31
CA GLN B 73 24.95 -2.08 -16.89
C GLN B 73 26.02 -1.58 -15.94
N GLN B 74 26.57 -0.40 -16.22
CA GLN B 74 27.64 0.16 -15.40
C GLN B 74 27.13 0.68 -14.07
N LEU B 75 26.01 1.39 -14.11
CA LEU B 75 25.39 1.89 -12.89
C LEU B 75 25.21 0.77 -11.89
N VAL B 76 24.82 -0.39 -12.39
CA VAL B 76 24.66 -1.57 -11.55
C VAL B 76 26.00 -2.06 -11.00
N ASP B 77 26.98 -2.16 -11.89
CA ASP B 77 28.32 -2.60 -11.50
C ASP B 77 28.94 -1.73 -10.41
N GLU B 78 28.89 -0.41 -10.62
CA GLU B 78 29.59 0.53 -9.75
C GLU B 78 28.96 0.62 -8.35
N PHE B 79 27.64 0.47 -8.27
CA PHE B 79 26.95 0.37 -6.99
C PHE B 79 27.33 -0.93 -6.28
N VAL B 80 27.27 -2.03 -7.02
CA VAL B 80 27.69 -3.32 -6.47
C VAL B 80 29.13 -3.23 -5.98
N ALA B 81 29.97 -2.57 -6.78
CA ALA B 81 31.39 -2.41 -6.46
C ALA B 81 31.63 -1.71 -5.12
N LYS B 82 30.79 -0.73 -4.77
CA LYS B 82 30.97 -0.02 -3.49
C LYS B 82 30.40 -0.75 -2.28
N PHE B 83 29.15 -1.21 -2.38
CA PHE B 83 28.47 -1.85 -1.25
C PHE B 83 28.44 -3.37 -1.32
N GLY B 84 28.83 -3.93 -2.47
CA GLY B 84 28.85 -5.38 -2.65
C GLY B 84 27.48 -6.01 -2.53
N GLY B 85 26.63 -5.77 -3.53
CA GLY B 85 25.30 -6.37 -3.61
C GLY B 85 24.12 -5.40 -3.56
N ILE B 86 22.90 -5.94 -3.70
CA ILE B 86 21.67 -5.15 -3.76
C ILE B 86 20.49 -5.86 -3.08
N ASP B 87 19.79 -5.13 -2.20
CA ASP B 87 18.52 -5.60 -1.63
C ASP B 87 17.31 -4.89 -2.23
N VAL B 88 17.47 -3.61 -2.59
CA VAL B 88 16.36 -2.79 -3.08
C VAL B 88 16.72 -1.99 -4.32
N LEU B 89 15.84 -2.02 -5.32
CA LEU B 89 15.97 -1.18 -6.51
C LEU B 89 14.75 -0.28 -6.62
N ILE B 90 15.00 1.01 -6.84
CA ILE B 90 13.92 1.97 -6.97
C ILE B 90 14.03 2.70 -8.29
N ASN B 91 13.29 2.21 -9.28
CA ASN B 91 13.28 2.79 -10.61
C ASN B 91 12.44 4.05 -10.66
N ASN B 92 12.97 5.12 -10.10
CA ASN B 92 12.32 6.41 -10.12
C ASN B 92 12.60 7.20 -11.39
N ALA B 93 13.76 6.93 -12.01
CA ALA B 93 14.19 7.64 -13.23
C ALA B 93 13.15 7.60 -14.34
N GLY B 94 12.88 8.77 -14.92
CA GLY B 94 11.89 8.88 -15.99
C GLY B 94 11.51 10.33 -16.25
N GLY B 95 10.31 10.55 -16.78
CA GLY B 95 9.80 11.91 -17.01
C GLY B 95 9.16 12.10 -18.37
N LEU B 96 8.45 13.21 -18.51
CA LEU B 96 7.78 13.57 -19.76
C LEU B 96 8.75 13.70 -20.92
N VAL B 97 9.93 14.28 -20.63
CA VAL B 97 10.86 14.78 -21.65
C VAL B 97 10.09 15.46 -22.80
N GLY B 98 9.20 16.37 -22.41
CA GLY B 98 8.42 17.15 -23.37
C GLY B 98 6.93 16.84 -23.48
N ARG B 99 6.25 17.66 -24.30
CA ARG B 99 4.88 17.44 -24.70
C ARG B 99 4.82 17.58 -26.20
N LYS B 100 4.07 16.67 -26.84
CA LYS B 100 3.83 16.75 -28.27
C LYS B 100 2.47 16.15 -28.60
N PRO B 101 1.66 16.87 -29.40
CA PRO B 101 0.42 16.26 -29.85
C PRO B 101 0.71 15.15 -30.85
N LEU B 102 -0.27 14.27 -31.06
CA LEU B 102 -0.05 13.07 -31.87
C LEU B 102 0.60 13.39 -33.20
N PRO B 103 0.00 14.32 -33.98
CA PRO B 103 0.55 14.58 -35.31
C PRO B 103 2.01 15.03 -35.31
N GLU B 104 2.44 15.67 -34.23
CA GLU B 104 3.82 16.10 -34.08
C GLU B 104 4.77 15.00 -33.59
N ILE B 105 4.25 13.84 -33.23
CA ILE B 105 5.10 12.79 -32.63
C ILE B 105 5.98 12.09 -33.68
N ASP B 106 7.29 12.32 -33.61
CA ASP B 106 8.24 11.74 -34.57
C ASP B 106 9.24 10.80 -33.89
N ASP B 107 10.04 10.10 -34.70
CA ASP B 107 11.02 9.13 -34.21
C ASP B 107 11.91 9.69 -33.12
N THR B 108 12.41 10.90 -33.31
CA THR B 108 13.31 11.50 -32.35
C THR B 108 12.61 11.65 -30.99
N PHE B 109 11.47 12.34 -30.96
CA PHE B 109 10.72 12.53 -29.72
C PHE B 109 10.26 11.20 -29.13
N TYR B 110 9.79 10.31 -29.99
CA TYR B 110 9.29 9.01 -29.56
C TYR B 110 10.37 8.30 -28.76
N ASP B 111 11.56 8.18 -29.35
CA ASP B 111 12.64 7.44 -28.71
C ASP B 111 13.20 8.11 -27.45
N ALA B 112 13.23 9.43 -27.46
CA ALA B 112 13.62 10.17 -26.27
C ALA B 112 12.74 9.77 -25.08
N VAL B 113 11.44 9.67 -25.33
CA VAL B 113 10.45 9.37 -24.29
C VAL B 113 10.41 7.88 -23.95
N MET B 114 10.53 7.03 -24.98
CA MET B 114 10.43 5.58 -24.75
C MET B 114 11.61 5.04 -23.95
N ASP B 115 12.81 5.38 -24.39
CA ASP B 115 14.02 4.87 -23.77
C ASP B 115 14.22 5.48 -22.37
N ALA B 116 13.85 6.75 -22.20
CA ALA B 116 13.93 7.44 -20.90
C ALA B 116 13.12 6.74 -19.80
N ASN B 117 11.95 6.24 -20.19
CA ASN B 117 10.96 5.73 -19.27
C ASN B 117 10.85 4.21 -19.21
N ILE B 118 11.20 3.50 -20.30
CA ILE B 118 10.99 2.05 -20.35
C ILE B 118 12.29 1.25 -20.37
N ARG B 119 13.07 1.42 -21.44
CA ARG B 119 14.35 0.72 -21.57
C ARG B 119 15.16 0.87 -20.28
N SER B 120 15.08 2.07 -19.67
CA SER B 120 15.76 2.34 -18.42
C SER B 120 15.29 1.34 -17.36
N VAL B 121 13.99 1.27 -17.16
CA VAL B 121 13.40 0.44 -16.11
C VAL B 121 13.63 -1.06 -16.38
N VAL B 122 13.65 -1.42 -17.65
CA VAL B 122 13.82 -2.81 -18.04
C VAL B 122 15.28 -3.21 -17.81
N MET B 123 16.18 -2.64 -18.61
CA MET B 123 17.58 -3.08 -18.62
C MET B 123 18.19 -3.00 -17.23
N THR B 124 17.97 -1.89 -16.54
CA THR B 124 18.43 -1.79 -15.17
C THR B 124 17.89 -2.98 -14.37
N THR B 125 16.56 -3.13 -14.34
CA THR B 125 15.97 -4.18 -13.53
C THR B 125 16.59 -5.53 -13.89
N LYS B 126 16.87 -5.73 -15.17
CA LYS B 126 17.56 -6.94 -15.62
C LYS B 126 18.93 -7.13 -14.94
N PHE B 127 19.78 -6.13 -15.05
CA PHE B 127 21.12 -6.23 -14.49
C PHE B 127 21.11 -6.32 -12.95
N ALA B 128 20.10 -5.74 -12.31
CA ALA B 128 20.01 -5.78 -10.85
C ALA B 128 19.47 -7.12 -10.31
N LEU B 129 18.74 -7.85 -11.16
CA LEU B 129 18.01 -9.04 -10.73
C LEU B 129 18.85 -10.13 -10.03
N PRO B 130 19.91 -10.63 -10.69
CA PRO B 130 20.66 -11.73 -10.06
C PRO B 130 21.35 -11.33 -8.76
N HIS B 131 21.65 -10.03 -8.61
CA HIS B 131 22.19 -9.50 -7.36
C HIS B 131 21.10 -9.43 -6.31
N LEU B 132 19.92 -8.99 -6.72
CA LEU B 132 18.76 -8.96 -5.82
C LEU B 132 18.37 -10.36 -5.37
N ALA B 133 18.36 -11.29 -6.32
CA ALA B 133 18.04 -12.68 -6.02
C ALA B 133 19.02 -13.30 -5.01
N ALA B 134 20.29 -12.88 -5.10
CA ALA B 134 21.32 -13.26 -4.12
C ALA B 134 20.97 -12.78 -2.72
N ALA B 135 20.80 -11.47 -2.56
CA ALA B 135 20.46 -10.87 -1.27
C ALA B 135 19.33 -11.60 -0.54
N ALA B 136 18.37 -12.10 -1.31
CA ALA B 136 17.18 -12.74 -0.77
C ALA B 136 17.47 -14.12 -0.22
N LYS B 137 18.11 -14.98 -1.02
CA LYS B 137 18.56 -16.30 -0.54
C LYS B 137 19.51 -16.16 0.64
N ALA B 138 20.43 -15.20 0.56
CA ALA B 138 21.37 -14.94 1.65
C ALA B 138 20.62 -14.74 2.98
N SER B 139 19.69 -13.79 2.98
CA SER B 139 18.89 -13.48 4.16
C SER B 139 17.70 -14.43 4.37
N GLY B 140 17.40 -15.23 3.35
CA GLY B 140 16.22 -16.08 3.36
C GLY B 140 14.92 -15.29 3.35
N GLN B 141 15.04 -13.97 3.20
CA GLN B 141 13.89 -13.08 3.22
C GLN B 141 13.53 -12.80 1.78
N THR B 142 13.23 -11.54 1.45
CA THR B 142 12.92 -11.16 0.09
C THR B 142 13.52 -9.80 -0.21
N SER B 143 14.17 -9.71 -1.37
CA SER B 143 14.59 -8.43 -1.91
C SER B 143 13.35 -7.67 -2.41
N ALA B 144 13.52 -6.46 -2.92
CA ALA B 144 12.39 -5.65 -3.37
C ALA B 144 12.75 -4.79 -4.57
N VAL B 145 11.81 -4.67 -5.49
CA VAL B 145 11.96 -3.80 -6.66
C VAL B 145 10.77 -2.86 -6.66
N ILE B 146 11.04 -1.57 -6.77
CA ILE B 146 9.99 -0.58 -6.81
C ILE B 146 10.20 0.33 -8.00
N SER B 147 9.12 0.68 -8.67
CA SER B 147 9.19 1.59 -9.77
C SER B 147 8.16 2.68 -9.62
N THR B 148 8.47 3.82 -10.21
CA THR B 148 7.64 4.97 -10.08
C THR B 148 6.64 4.99 -11.24
N GLY B 149 5.36 4.97 -10.88
CA GLY B 149 4.26 5.01 -11.84
C GLY B 149 3.63 6.39 -11.97
N SER B 150 2.37 6.41 -12.40
CA SER B 150 1.61 7.66 -12.52
C SER B 150 0.12 7.40 -12.68
N ILE B 151 -0.67 8.39 -12.29
CA ILE B 151 -2.09 8.44 -12.63
C ILE B 151 -2.28 8.26 -14.14
N ALA B 152 -1.35 8.81 -14.92
CA ALA B 152 -1.38 8.70 -16.39
C ALA B 152 -1.30 7.26 -16.88
N GLY B 153 -0.62 6.39 -16.13
CA GLY B 153 -0.60 4.95 -16.39
C GLY B 153 -1.94 4.24 -16.22
N HIS B 154 -2.92 4.93 -15.62
CA HIS B 154 -4.31 4.46 -15.57
C HIS B 154 -5.19 5.17 -16.59
N THR B 155 -5.15 6.50 -16.55
CA THR B 155 -6.08 7.33 -17.32
C THR B 155 -5.59 7.71 -18.72
N GLY B 156 -4.28 7.68 -18.93
CA GLY B 156 -3.70 8.09 -20.20
C GLY B 156 -3.03 9.43 -20.03
N GLY B 157 -2.08 9.72 -20.90
CA GLY B 157 -1.29 10.95 -20.80
C GLY B 157 -2.12 12.21 -20.76
N GLY B 158 -1.53 13.27 -20.19
CA GLY B 158 -2.10 14.61 -20.28
C GLY B 158 -1.88 15.19 -21.66
N PRO B 159 -2.14 16.50 -21.82
CA PRO B 159 -1.91 17.20 -23.10
C PRO B 159 -0.49 16.99 -23.65
N GLY B 160 -0.40 16.32 -24.80
CA GLY B 160 0.88 16.03 -25.44
C GLY B 160 1.71 14.94 -24.78
N ALA B 161 1.18 14.32 -23.73
CA ALA B 161 1.95 13.38 -22.92
C ALA B 161 1.52 11.92 -23.16
N GLY B 162 0.95 11.65 -24.34
CA GLY B 162 0.44 10.32 -24.65
C GLY B 162 1.40 9.20 -24.32
N LEU B 163 2.64 9.36 -24.75
CA LEU B 163 3.67 8.33 -24.56
C LEU B 163 4.04 8.16 -23.09
N TYR B 164 4.14 9.26 -22.36
CA TYR B 164 4.45 9.21 -20.94
C TYR B 164 3.41 8.38 -20.20
N GLY B 165 2.13 8.64 -20.47
CA GLY B 165 1.06 7.88 -19.85
C GLY B 165 1.19 6.40 -20.14
N ALA B 166 1.28 6.08 -21.43
CA ALA B 166 1.35 4.68 -21.87
C ALA B 166 2.65 3.97 -21.45
N ALA B 167 3.72 4.74 -21.30
CA ALA B 167 4.98 4.18 -20.84
C ALA B 167 4.86 3.72 -19.39
N LYS B 168 4.17 4.49 -18.56
CA LYS B 168 3.94 4.09 -17.16
C LYS B 168 2.99 2.91 -17.08
N ALA B 169 2.03 2.88 -17.99
CA ALA B 169 1.14 1.74 -18.15
C ALA B 169 1.94 0.48 -18.54
N PHE B 170 2.94 0.66 -19.39
CA PHE B 170 3.87 -0.39 -19.77
C PHE B 170 4.51 -0.99 -18.53
N LEU B 171 4.97 -0.12 -17.63
CA LEU B 171 5.63 -0.55 -16.39
C LEU B 171 4.67 -1.25 -15.44
N HIS B 172 3.46 -0.70 -15.28
CA HIS B 172 2.45 -1.33 -14.42
C HIS B 172 2.34 -2.78 -14.87
N ASN B 173 2.34 -2.97 -16.19
CA ASN B 173 2.17 -4.30 -16.75
C ASN B 173 3.37 -5.20 -16.55
N VAL B 174 4.51 -4.78 -17.10
CA VAL B 174 5.71 -5.60 -17.12
C VAL B 174 6.12 -6.15 -15.74
N HIS B 175 5.77 -5.44 -14.67
CA HIS B 175 5.95 -5.98 -13.32
C HIS B 175 5.13 -7.26 -13.06
N LYS B 176 3.94 -7.34 -13.66
CA LYS B 176 3.05 -8.49 -13.44
C LYS B 176 3.67 -9.75 -13.98
N ASN B 177 4.40 -9.62 -15.08
CA ASN B 177 5.21 -10.70 -15.59
C ASN B 177 6.33 -11.04 -14.61
N TRP B 178 7.09 -10.03 -14.23
CA TRP B 178 8.23 -10.22 -13.35
C TRP B 178 7.82 -10.92 -12.06
N VAL B 179 6.61 -10.63 -11.58
CA VAL B 179 6.07 -11.33 -10.42
C VAL B 179 5.87 -12.82 -10.75
N ASP B 180 5.29 -13.10 -11.91
CA ASP B 180 5.06 -14.47 -12.34
C ASP B 180 6.34 -15.29 -12.43
N PHE B 181 7.39 -14.71 -12.99
CA PHE B 181 8.58 -15.47 -13.36
C PHE B 181 9.81 -15.25 -12.49
N HIS B 182 9.72 -14.39 -11.48
CA HIS B 182 10.85 -14.18 -10.59
C HIS B 182 10.46 -14.06 -9.10
N THR B 183 9.25 -14.46 -8.75
CA THR B 183 8.86 -14.55 -7.34
C THR B 183 9.66 -15.66 -6.68
N LYS B 184 9.89 -16.73 -7.43
CA LYS B 184 10.76 -17.84 -7.04
C LYS B 184 12.21 -17.43 -6.69
N ASP B 185 12.73 -16.40 -7.35
CA ASP B 185 14.06 -15.86 -7.05
C ASP B 185 14.11 -14.97 -5.79
N GLY B 186 12.98 -14.81 -5.10
CA GLY B 186 12.93 -14.04 -3.84
C GLY B 186 12.87 -12.54 -4.01
N VAL B 187 12.32 -12.08 -5.13
CA VAL B 187 12.23 -10.65 -5.44
C VAL B 187 10.77 -10.20 -5.59
N ARG B 188 10.40 -9.18 -4.82
CA ARG B 188 9.08 -8.57 -4.96
C ARG B 188 9.14 -7.40 -5.92
N PHE B 189 7.99 -7.10 -6.52
CA PHE B 189 7.82 -6.01 -7.48
C PHE B 189 6.56 -5.25 -7.15
N ASN B 190 6.66 -3.93 -7.08
CA ASN B 190 5.52 -3.08 -6.73
C ASN B 190 5.78 -1.66 -7.24
N ILE B 191 4.73 -0.85 -7.28
CA ILE B 191 4.80 0.46 -7.91
C ILE B 191 4.12 1.54 -7.07
N VAL B 192 4.82 2.65 -6.88
CA VAL B 192 4.22 3.85 -6.28
C VAL B 192 3.89 4.78 -7.43
N SER B 193 2.65 5.23 -7.44
CA SER B 193 2.10 5.91 -8.59
C SER B 193 1.58 7.29 -8.16
N PRO B 194 2.48 8.29 -8.12
CA PRO B 194 2.13 9.64 -7.67
C PRO B 194 1.23 10.38 -8.66
N GLY B 195 0.34 11.22 -8.14
CA GLY B 195 -0.76 11.77 -8.92
C GLY B 195 -0.64 13.21 -9.38
N THR B 196 0.53 13.58 -9.90
CA THR B 196 0.72 14.91 -10.51
C THR B 196 2.06 15.04 -11.22
N ILE B 213 -8.40 21.32 -12.70
CA ILE B 213 -7.55 20.21 -12.29
C ILE B 213 -7.63 19.99 -10.77
N SER B 214 -7.64 21.08 -10.00
CA SER B 214 -7.79 21.00 -8.54
C SER B 214 -9.23 20.66 -8.13
N ASN B 215 -10.19 20.93 -9.02
CA ASN B 215 -11.59 20.54 -8.85
C ASN B 215 -11.84 19.03 -8.99
N GLY B 216 -11.00 18.36 -9.79
CA GLY B 216 -11.03 16.90 -9.94
C GLY B 216 -10.14 16.14 -8.96
N ILE B 217 -9.55 16.87 -8.01
CA ILE B 217 -8.87 16.29 -6.85
C ILE B 217 -9.70 16.64 -5.62
N PRO B 218 -10.38 15.64 -5.02
CA PRO B 218 -11.18 15.87 -3.82
C PRO B 218 -10.43 16.60 -2.72
N MET B 219 -9.15 16.27 -2.55
CA MET B 219 -8.31 16.92 -1.54
C MET B 219 -8.12 18.41 -1.80
N GLY B 220 -7.96 18.79 -3.05
CA GLY B 220 -7.72 20.19 -3.43
C GLY B 220 -6.25 20.48 -3.67
N ARG B 221 -5.40 20.00 -2.77
CA ARG B 221 -3.94 20.17 -2.89
C ARG B 221 -3.40 19.39 -4.08
N PHE B 222 -2.19 19.74 -4.52
CA PHE B 222 -1.36 18.84 -5.31
C PHE B 222 -0.59 17.99 -4.29
N GLY B 223 0.23 17.08 -4.80
CA GLY B 223 1.08 16.26 -3.92
C GLY B 223 2.48 16.81 -3.81
N THR B 224 3.01 16.84 -2.58
CA THR B 224 4.42 17.17 -2.36
C THR B 224 5.26 15.91 -2.58
N ALA B 225 6.58 16.01 -2.41
CA ALA B 225 7.48 14.87 -2.58
C ALA B 225 7.74 14.07 -1.30
N GLU B 226 7.51 14.67 -0.12
CA GLU B 226 7.58 13.91 1.15
C GLU B 226 6.22 13.30 1.51
N GLU B 227 5.19 13.66 0.75
CA GLU B 227 3.90 12.96 0.79
C GLU B 227 4.02 11.58 0.12
N MET B 228 4.91 11.48 -0.86
CA MET B 228 5.06 10.28 -1.66
C MET B 228 5.98 9.26 -0.98
N ALA B 229 7.08 9.75 -0.41
CA ALA B 229 8.24 8.90 -0.09
C ALA B 229 8.02 7.68 0.82
N PRO B 230 7.13 7.78 1.82
CA PRO B 230 6.93 6.64 2.75
C PRO B 230 6.45 5.33 2.10
N ALA B 231 5.51 5.45 1.16
CA ALA B 231 5.03 4.29 0.41
C ALA B 231 6.18 3.41 -0.07
N PHE B 232 7.23 4.06 -0.56
CA PHE B 232 8.44 3.38 -1.02
C PHE B 232 9.08 2.56 0.10
N LEU B 233 9.21 3.17 1.28
CA LEU B 233 9.83 2.50 2.41
C LEU B 233 8.98 1.31 2.78
N PHE B 234 7.67 1.53 2.87
CA PHE B 234 6.73 0.47 3.13
C PHE B 234 6.91 -0.70 2.14
N PHE B 235 7.03 -0.38 0.86
CA PHE B 235 7.15 -1.40 -0.20
C PHE B 235 8.50 -2.13 -0.23
N ALA B 236 9.55 -1.47 0.23
CA ALA B 236 10.87 -2.13 0.34
C ALA B 236 10.95 -3.05 1.58
N SER B 237 10.27 -2.69 2.67
CA SER B 237 10.32 -3.47 3.93
C SER B 237 9.65 -4.84 3.88
N HIS B 238 10.45 -5.90 4.02
CA HIS B 238 9.93 -7.26 4.11
C HIS B 238 9.01 -7.46 5.32
N LEU B 239 9.36 -6.80 6.43
CA LEU B 239 8.52 -6.84 7.61
C LEU B 239 7.11 -6.35 7.31
N ALA B 240 7.02 -5.29 6.51
CA ALA B 240 5.76 -4.58 6.25
C ALA B 240 5.02 -5.10 5.01
N SER B 241 5.74 -5.26 3.92
CA SER B 241 5.16 -5.71 2.67
C SER B 241 5.80 -7.03 2.28
N GLY B 242 5.83 -7.95 3.24
CA GLY B 242 6.36 -9.28 2.99
C GLY B 242 5.54 -10.00 1.94
N TYR B 243 4.23 -10.07 2.16
CA TYR B 243 3.34 -10.87 1.29
C TYR B 243 2.68 -10.08 0.15
N ILE B 244 3.09 -8.84 -0.04
CA ILE B 244 2.55 -7.98 -1.09
C ILE B 244 3.54 -7.95 -2.23
N THR B 245 3.11 -8.38 -3.42
CA THR B 245 3.91 -8.20 -4.61
C THR B 245 2.98 -8.05 -5.82
N GLY B 246 3.42 -7.25 -6.79
CA GLY B 246 2.63 -6.99 -8.00
C GLY B 246 1.48 -6.02 -7.80
N GLN B 247 1.71 -4.94 -7.07
CA GLN B 247 0.66 -3.96 -6.81
C GLN B 247 1.11 -2.53 -7.11
N VAL B 248 0.12 -1.71 -7.46
CA VAL B 248 0.31 -0.29 -7.72
C VAL B 248 -0.42 0.53 -6.67
N LEU B 249 0.26 1.52 -6.11
CA LEU B 249 -0.30 2.34 -5.05
C LEU B 249 -0.28 3.79 -5.49
N ASP B 250 -1.47 4.37 -5.70
CA ASP B 250 -1.57 5.74 -6.19
C ASP B 250 -1.65 6.75 -5.07
N ILE B 251 -0.60 7.58 -4.96
CA ILE B 251 -0.58 8.67 -3.99
C ILE B 251 -1.03 9.93 -4.69
N ASN B 252 -2.33 10.07 -4.87
CA ASN B 252 -2.87 11.13 -5.73
C ASN B 252 -3.88 12.08 -5.09
N GLY B 253 -4.38 11.74 -3.90
CA GLY B 253 -5.40 12.55 -3.22
C GLY B 253 -6.83 12.31 -3.70
N GLY B 254 -7.08 11.21 -4.40
CA GLY B 254 -8.42 10.85 -4.87
C GLY B 254 -8.75 11.32 -6.27
N GLN B 255 -7.72 11.65 -7.05
CA GLN B 255 -7.89 12.07 -8.45
C GLN B 255 -8.31 10.87 -9.31
N TYR B 256 -7.77 9.69 -8.99
CA TYR B 256 -8.16 8.42 -9.60
C TYR B 256 -8.25 7.34 -8.52
N LYS B 257 -9.23 6.45 -8.66
CA LYS B 257 -9.46 5.38 -7.69
C LYS B 257 -8.90 4.05 -8.20
N HIS B 258 -7.93 3.51 -7.47
CA HIS B 258 -7.29 2.27 -7.85
C HIS B 258 -6.85 1.49 -6.62
#